data_3SK2
#
_entry.id   3SK2
#
_cell.length_a   36.500
_cell.length_b   79.770
_cell.length_c   82.850
_cell.angle_alpha   90.00
_cell.angle_beta   90.00
_cell.angle_gamma   90.00
#
_symmetry.space_group_name_H-M   'P 21 21 21'
#
loop_
_entity.id
_entity.type
_entity.pdbx_description
1 polymer EhpR
2 non-polymer '6-formyl-9-methoxyphenazine-1-carboxylic acid'
3 water water
#
_entity_poly.entity_id   1
_entity_poly.type   'polypeptide(L)'
_entity_poly.pdbx_seq_one_letter_code
;GSHMTDLAGPTITPNLQLVYVSNVERSTDFYRFIFKKEPVFVTPRYVAFPSSGDALFAIWSGGEEPVAEIPRFSEIGIML
PTGEDVDKLFNEWTKQKSHQIIVIKEPYTDVFGRTFLISDPDGHIIRVCPLD
;
_entity_poly.pdbx_strand_id   A,B
#
# COMPACT_ATOMS: atom_id res chain seq x y z
N GLY A 1 -30.28 24.79 16.56
CA GLY A 1 -30.04 23.51 15.86
C GLY A 1 -28.73 23.67 15.12
N SER A 2 -28.59 22.93 14.04
CA SER A 2 -27.36 22.96 13.28
C SER A 2 -27.28 24.18 12.38
N HIS A 3 -26.07 24.70 12.20
CA HIS A 3 -25.76 25.76 11.24
C HIS A 3 -24.84 25.23 10.17
N MET A 4 -24.81 23.92 9.99
CA MET A 4 -23.98 23.26 8.97
C MET A 4 -24.89 22.62 7.93
N THR A 5 -24.57 22.88 6.67
CA THR A 5 -25.28 22.28 5.56
C THR A 5 -24.49 21.24 4.81
N ASP A 6 -23.24 21.02 5.19
CA ASP A 6 -22.36 20.06 4.52
C ASP A 6 -22.86 18.65 4.78
N LEU A 7 -23.17 17.95 3.68
CA LEU A 7 -23.73 16.59 3.73
C LEU A 7 -22.70 15.58 3.18
N ALA A 8 -21.48 16.00 2.94
CA ALA A 8 -20.44 15.10 2.44
C ALA A 8 -20.03 14.09 3.51
N GLY A 9 -19.66 12.91 3.06
CA GLY A 9 -19.08 11.91 3.96
C GLY A 9 -17.65 12.27 4.22
N PRO A 10 -16.98 11.44 5.00
CA PRO A 10 -15.58 11.65 5.33
C PRO A 10 -14.71 11.47 4.11
N THR A 11 -13.52 12.01 4.17
CA THR A 11 -12.52 11.79 3.12
C THR A 11 -12.20 10.31 3.00
N ILE A 12 -12.08 9.84 1.76
CA ILE A 12 -11.77 8.46 1.44
CA ILE A 12 -11.79 8.46 1.41
C ILE A 12 -10.35 8.39 0.93
N THR A 13 -9.46 7.76 1.68
CA THR A 13 -8.04 7.78 1.38
C THR A 13 -7.51 6.37 1.51
N PRO A 14 -6.62 5.96 0.57
CA PRO A 14 -5.91 4.66 0.71
C PRO A 14 -4.77 4.81 1.69
N ASN A 15 -5.08 4.78 2.98
CA ASN A 15 -4.20 5.06 4.07
C ASN A 15 -3.74 3.83 4.85
N LEU A 16 -3.98 2.64 4.32
CA LEU A 16 -3.52 1.41 4.97
C LEU A 16 -2.98 0.64 3.72
C LEU A 16 -3.04 0.34 4.01
N GLN A 17 -1.73 0.22 3.84
CA GLN A 17 -1.13 -0.73 2.93
C GLN A 17 -0.89 -2.00 3.75
N LEU A 18 -1.59 -3.06 3.43
CA LEU A 18 -1.56 -4.28 4.27
C LEU A 18 -1.06 -5.44 3.45
N VAL A 19 -0.15 -6.22 4.04
CA VAL A 19 0.35 -7.43 3.40
C VAL A 19 0.17 -8.62 4.32
N TYR A 20 -0.09 -9.78 3.74
CA TYR A 20 -0.27 -11.02 4.50
C TYR A 20 1.08 -11.64 4.76
N VAL A 21 1.34 -12.11 5.97
CA VAL A 21 2.63 -12.70 6.31
C VAL A 21 2.44 -14.05 6.99
N SER A 22 3.46 -14.91 6.90
CA SER A 22 3.46 -16.21 7.53
C SER A 22 3.93 -16.19 8.98
N ASN A 23 4.88 -15.35 9.31
CA ASN A 23 5.61 -15.34 10.62
CA ASN A 23 5.31 -15.30 10.64
C ASN A 23 5.57 -13.86 11.04
N VAL A 24 4.66 -13.44 11.90
CA VAL A 24 4.57 -12.05 12.30
C VAL A 24 5.83 -11.57 13.00
N GLU A 25 6.40 -12.34 13.91
CA GLU A 25 7.60 -11.90 14.59
CA GLU A 25 7.59 -11.90 14.60
C GLU A 25 8.77 -11.71 13.63
N ARG A 26 8.95 -12.64 12.69
CA ARG A 26 10.00 -12.53 11.70
C ARG A 26 9.81 -11.29 10.85
N SER A 27 8.60 -11.07 10.36
CA SER A 27 8.35 -9.90 9.51
C SER A 27 8.45 -8.60 10.28
N THR A 28 8.09 -8.60 11.58
CA THR A 28 8.27 -7.41 12.39
C THR A 28 9.74 -7.04 12.44
N ASP A 29 10.61 -8.02 12.69
CA ASP A 29 12.03 -7.78 12.73
C ASP A 29 12.54 -7.20 11.41
N PHE A 30 12.08 -7.82 10.30
CA PHE A 30 12.52 -7.39 8.97
C PHE A 30 12.16 -5.94 8.71
N TYR A 31 10.90 -5.57 8.94
CA TYR A 31 10.46 -4.22 8.68
C TYR A 31 11.00 -3.17 9.64
N ARG A 32 11.19 -3.54 10.92
CA ARG A 32 11.87 -2.67 11.86
CA ARG A 32 11.87 -2.66 11.86
C ARG A 32 13.25 -2.32 11.32
N PHE A 33 13.96 -3.32 10.77
CA PHE A 33 15.29 -3.11 10.24
C PHE A 33 15.25 -2.23 9.00
N ILE A 34 14.43 -2.56 7.99
CA ILE A 34 14.51 -1.76 6.77
CA ILE A 34 14.56 -1.80 6.79
C ILE A 34 13.95 -0.37 6.95
N PHE A 35 12.94 -0.17 7.78
CA PHE A 35 12.40 1.15 8.02
C PHE A 35 13.14 1.95 9.07
N LYS A 36 13.94 1.29 9.90
CA LYS A 36 14.61 1.93 11.05
CA LYS A 36 14.60 1.95 11.03
C LYS A 36 13.57 2.59 11.94
N LYS A 37 12.46 1.92 12.20
CA LYS A 37 11.37 2.44 13.03
C LYS A 37 10.71 1.32 13.78
N GLU A 38 10.18 1.68 14.96
CA GLU A 38 9.43 0.78 15.76
C GLU A 38 7.98 0.68 15.25
N PRO A 39 7.32 -0.43 15.47
CA PRO A 39 5.88 -0.52 15.17
C PRO A 39 5.09 0.43 16.04
N VAL A 40 3.96 0.89 15.52
CA VAL A 40 2.92 1.65 16.23
CA VAL A 40 3.04 1.68 16.38
C VAL A 40 2.21 0.78 17.28
N PHE A 41 1.92 -0.46 16.91
CA PHE A 41 1.31 -1.45 17.79
C PHE A 41 1.72 -2.81 17.33
N VAL A 42 1.71 -3.75 18.29
CA VAL A 42 1.99 -5.17 18.08
C VAL A 42 0.91 -6.01 18.75
N THR A 43 0.36 -6.93 18.01
CA THR A 43 -0.46 -8.02 18.51
C THR A 43 0.12 -9.30 17.89
N PRO A 44 -0.32 -10.47 18.36
CA PRO A 44 0.21 -11.71 17.78
C PRO A 44 0.02 -11.84 16.28
N ARG A 45 -1.10 -11.38 15.78
CA ARG A 45 -1.44 -11.56 14.38
C ARG A 45 -1.36 -10.31 13.52
N TYR A 46 -1.19 -9.14 14.10
CA TYR A 46 -1.42 -7.88 13.39
C TYR A 46 -0.49 -6.81 13.94
N VAL A 47 0.38 -6.26 13.11
CA VAL A 47 1.37 -5.27 13.49
C VAL A 47 1.35 -4.15 12.46
N ALA A 48 1.46 -2.93 12.91
CA ALA A 48 1.50 -1.77 12.00
C ALA A 48 2.70 -0.90 12.28
N PHE A 49 3.22 -0.32 11.23
CA PHE A 49 4.29 0.67 11.22
C PHE A 49 3.75 1.98 10.64
N PRO A 50 4.31 3.12 11.04
CA PRO A 50 3.95 4.38 10.42
CA PRO A 50 3.76 4.30 10.35
C PRO A 50 4.34 4.44 8.95
N SER A 51 3.44 4.94 8.15
N SER A 51 3.54 5.01 8.02
CA SER A 51 3.84 5.48 6.92
CA SER A 51 4.01 5.29 6.65
C SER A 51 3.79 7.01 7.10
C SER A 51 4.42 6.78 6.43
N SER A 52 3.54 7.68 6.03
CA SER A 52 3.64 9.11 6.05
C SER A 52 2.33 9.63 6.60
N GLY A 53 2.37 10.77 7.32
CA GLY A 53 1.13 11.31 7.83
C GLY A 53 0.43 10.36 8.77
N ASP A 54 -0.87 10.23 8.60
CA ASP A 54 -1.73 9.33 9.35
CA ASP A 54 -1.62 9.28 9.43
C ASP A 54 -1.84 7.89 8.76
N ALA A 55 -1.11 7.64 7.69
CA ALA A 55 -1.22 6.35 7.03
C ALA A 55 -0.33 5.29 7.71
N LEU A 56 -0.70 4.03 7.48
CA LEU A 56 -0.03 2.88 8.09
C LEU A 56 0.37 1.87 7.04
N PHE A 57 1.43 1.13 7.37
CA PHE A 57 1.83 -0.10 6.69
C PHE A 57 1.66 -1.25 7.69
N ALA A 58 0.96 -2.30 7.32
CA ALA A 58 0.63 -3.36 8.28
C ALA A 58 0.91 -4.73 7.70
N ILE A 59 1.27 -5.62 8.61
CA ILE A 59 1.47 -7.04 8.36
C ILE A 59 0.45 -7.85 9.17
N TRP A 60 -0.09 -8.92 8.55
CA TRP A 60 -1.19 -9.65 9.16
C TRP A 60 -1.12 -11.11 8.81
N SER A 61 -1.27 -11.99 9.82
CA SER A 61 -1.32 -13.43 9.59
C SER A 61 -2.74 -13.96 9.51
N GLY A 62 -3.75 -13.13 9.56
CA GLY A 62 -5.12 -13.58 9.51
C GLY A 62 -5.72 -13.61 8.14
N GLY A 63 -4.94 -13.22 7.14
N GLY A 63 -4.99 -13.28 7.10
CA GLY A 63 -5.25 -13.42 5.74
CA GLY A 63 -5.51 -13.37 5.74
C GLY A 63 -4.51 -14.63 5.18
C GLY A 63 -5.32 -14.78 5.19
N GLU A 64 -4.80 -14.96 3.95
N GLU A 64 -4.76 -14.88 3.98
CA GLU A 64 -4.29 -16.16 3.39
C GLU A 64 -2.75 -16.18 3.26
C GLU A 64 -2.80 -16.13 3.64
N GLU A 65 -2.14 -17.27 3.74
CA GLU A 65 -0.68 -17.31 3.81
C GLU A 65 -0.06 -17.15 2.41
N PRO A 66 0.92 -16.24 2.21
CA PRO A 66 1.49 -16.15 0.86
CA PRO A 66 1.62 -16.05 0.97
C PRO A 66 2.29 -17.37 0.61
N VAL A 67 2.27 -17.69 -0.63
CA VAL A 67 2.82 -18.90 -1.15
C VAL A 67 3.93 -18.51 -2.08
N ALA A 68 5.06 -19.14 -1.88
CA ALA A 68 6.13 -18.85 -2.69
C ALA A 68 5.66 -19.36 -4.11
N GLU A 69 6.21 -18.67 -5.03
CA GLU A 69 6.12 -18.80 -6.49
C GLU A 69 4.80 -18.37 -7.09
N ILE A 70 3.82 -17.99 -6.29
CA ILE A 70 2.63 -17.41 -6.84
C ILE A 70 2.98 -15.98 -7.29
N PRO A 71 2.78 -15.59 -8.54
CA PRO A 71 3.13 -14.24 -8.98
C PRO A 71 2.37 -13.18 -8.23
N ARG A 72 3.03 -12.04 -8.03
CA ARG A 72 2.44 -10.91 -7.31
C ARG A 72 2.20 -9.77 -8.30
N PHE A 73 1.21 -8.95 -7.99
CA PHE A 73 0.77 -7.87 -8.90
C PHE A 73 0.73 -6.52 -8.25
N SER A 74 1.56 -6.32 -7.21
CA SER A 74 1.61 -5.08 -6.47
C SER A 74 2.98 -4.95 -5.85
N GLU A 75 3.32 -3.73 -5.41
CA GLU A 75 4.60 -3.41 -4.83
C GLU A 75 4.40 -2.49 -3.65
N ILE A 76 5.27 -2.69 -2.65
CA ILE A 76 5.47 -1.75 -1.56
C ILE A 76 6.57 -0.79 -2.03
N GLY A 77 6.26 0.48 -2.16
CA GLY A 77 7.22 1.44 -2.64
C GLY A 77 7.78 2.33 -1.55
N ILE A 78 9.05 2.66 -1.70
CA ILE A 78 9.81 3.58 -0.86
C ILE A 78 10.36 4.64 -1.78
N MET A 79 9.81 5.84 -1.68
CA MET A 79 10.24 6.98 -2.52
C MET A 79 11.23 7.83 -1.73
N LEU A 80 12.40 8.06 -2.30
CA LEU A 80 13.45 8.86 -1.66
C LEU A 80 13.62 10.20 -2.28
N PRO A 81 14.36 11.19 -1.62
CA PRO A 81 14.40 12.54 -2.17
C PRO A 81 15.02 12.58 -3.57
N THR A 82 16.09 11.83 -3.83
CA THR A 82 16.81 11.88 -5.14
C THR A 82 17.27 10.48 -5.67
N GLY A 83 17.61 10.36 -6.97
CA GLY A 83 18.12 9.12 -7.54
C GLY A 83 19.42 8.64 -6.87
N GLU A 84 20.24 9.61 -6.50
CA GLU A 84 21.46 9.30 -5.78
C GLU A 84 21.17 8.59 -4.47
N ASP A 85 20.08 8.98 -3.79
CA ASP A 85 19.70 8.35 -2.53
C ASP A 85 19.35 6.87 -2.76
N VAL A 86 18.77 6.55 -3.91
CA VAL A 86 18.40 5.17 -4.27
C VAL A 86 19.68 4.32 -4.30
N ASP A 87 20.67 4.72 -5.08
CA ASP A 87 21.92 3.95 -5.15
C ASP A 87 22.58 3.86 -3.78
N LYS A 88 22.55 4.96 -3.02
CA LYS A 88 23.18 4.93 -1.68
C LYS A 88 22.47 3.91 -0.77
N LEU A 89 21.16 3.82 -0.84
CA LEU A 89 20.43 2.84 0.00
C LEU A 89 20.74 1.44 -0.43
N PHE A 90 20.85 1.16 -1.72
CA PHE A 90 21.20 -0.17 -2.14
C PHE A 90 22.58 -0.58 -1.57
N ASN A 91 23.52 0.35 -1.64
CA ASN A 91 24.85 0.07 -1.07
C ASN A 91 24.77 -0.23 0.41
N GLU A 92 24.01 0.61 1.14
CA GLU A 92 23.86 0.41 2.60
C GLU A 92 23.26 -0.96 2.89
N TRP A 93 22.16 -1.31 2.22
CA TRP A 93 21.43 -2.54 2.51
C TRP A 93 22.24 -3.78 2.12
N THR A 94 23.05 -3.73 1.07
CA THR A 94 23.85 -4.88 0.68
C THR A 94 25.18 -4.96 1.41
N LYS A 95 25.63 -3.86 2.00
CA LYS A 95 26.83 -3.88 2.82
CA LYS A 95 26.86 -3.87 2.83
C LYS A 95 26.64 -4.43 4.22
N GLN A 96 25.51 -4.16 4.83
CA GLN A 96 25.27 -4.63 6.21
C GLN A 96 25.26 -6.13 6.24
N LYS A 97 25.68 -6.68 7.37
CA LYS A 97 25.94 -8.10 7.53
CA LYS A 97 25.93 -8.11 7.50
C LYS A 97 24.90 -8.83 8.35
N SER A 98 24.02 -8.09 9.04
CA SER A 98 23.11 -8.67 10.04
C SER A 98 21.95 -9.44 9.40
C SER A 98 21.71 -9.19 9.61
N HIS A 99 21.26 -8.81 8.41
CA HIS A 99 20.00 -9.29 7.92
C HIS A 99 20.14 -9.71 6.48
N GLN A 100 19.63 -10.90 6.17
CA GLN A 100 19.51 -11.33 4.79
C GLN A 100 18.43 -10.50 4.09
N ILE A 101 18.78 -9.96 2.93
CA ILE A 101 17.85 -9.28 2.06
C ILE A 101 17.97 -9.92 0.68
N ILE A 102 16.85 -10.45 0.18
CA ILE A 102 16.83 -11.04 -1.14
C ILE A 102 16.62 -9.94 -2.18
N VAL A 103 17.58 -9.82 -3.09
CA VAL A 103 17.54 -8.83 -4.19
C VAL A 103 16.86 -9.45 -5.40
N ILE A 104 15.87 -8.74 -5.91
CA ILE A 104 15.16 -9.12 -7.12
CA ILE A 104 15.17 -9.13 -7.12
C ILE A 104 15.79 -8.44 -8.34
N LYS A 105 16.05 -7.13 -8.25
CA LYS A 105 16.69 -6.38 -9.34
CA LYS A 105 16.71 -6.40 -9.34
C LYS A 105 17.69 -5.32 -8.78
N GLU A 106 19.02 -5.35 -9.20
CA GLU A 106 19.97 -4.37 -8.75
C GLU A 106 19.68 -2.99 -9.36
N PRO A 107 20.31 -1.91 -8.89
CA PRO A 107 20.00 -0.59 -9.37
C PRO A 107 20.15 -0.40 -10.87
N TYR A 108 19.32 0.54 -11.40
N TYR A 108 19.03 -0.08 -11.53
CA TYR A 108 19.26 0.84 -12.82
CA TYR A 108 19.16 0.36 -12.89
C TYR A 108 18.43 2.08 -13.02
C TYR A 108 18.04 1.26 -13.20
N THR A 109 18.46 2.71 -14.20
N THR A 109 18.10 1.75 -14.40
CA THR A 109 17.55 3.77 -14.54
CA THR A 109 17.34 2.94 -14.71
C THR A 109 16.33 3.22 -15.32
C THR A 109 16.13 2.64 -15.41
N ASP A 110 15.09 3.10 -14.75
CA ASP A 110 13.81 2.81 -15.42
C ASP A 110 13.27 4.07 -16.11
N VAL A 111 12.02 4.08 -16.54
CA VAL A 111 11.45 5.31 -17.14
C VAL A 111 11.21 6.31 -16.18
N PHE A 112 11.29 6.01 -14.93
CA PHE A 112 11.10 6.97 -13.81
C PHE A 112 12.38 7.22 -12.97
N GLY A 113 13.53 6.85 -13.52
CA GLY A 113 14.76 7.13 -12.81
C GLY A 113 15.32 5.93 -12.08
N ARG A 114 16.26 6.18 -11.18
CA ARG A 114 17.01 5.13 -10.49
C ARG A 114 16.07 4.28 -9.60
N THR A 115 16.20 2.98 -9.67
CA THR A 115 15.28 2.04 -8.91
C THR A 115 15.93 0.71 -8.71
N PHE A 116 15.49 0.00 -7.67
CA PHE A 116 15.87 -1.40 -7.47
C PHE A 116 14.68 -2.10 -6.75
N LEU A 117 14.71 -3.44 -6.79
CA LEU A 117 13.70 -4.28 -6.17
C LEU A 117 14.29 -5.29 -5.21
N ILE A 118 13.69 -5.45 -4.03
CA ILE A 118 13.99 -6.52 -3.10
C ILE A 118 12.68 -7.27 -2.80
N SER A 119 12.81 -8.44 -2.16
CA SER A 119 11.70 -9.23 -1.64
CA SER A 119 11.62 -9.07 -1.62
C SER A 119 11.67 -9.17 -0.10
N ASP A 120 10.48 -9.20 0.47
CA ASP A 120 10.37 -9.45 1.88
C ASP A 120 10.35 -10.97 2.11
N PRO A 121 10.30 -11.39 3.40
CA PRO A 121 10.33 -12.84 3.69
C PRO A 121 9.20 -13.68 3.08
N ASP A 122 8.09 -13.07 2.71
CA ASP A 122 6.94 -13.73 2.14
C ASP A 122 6.75 -13.39 0.65
N GLY A 123 7.82 -12.95 0.00
CA GLY A 123 7.79 -12.67 -1.43
C GLY A 123 7.09 -11.41 -1.83
N HIS A 124 6.75 -10.52 -0.91
CA HIS A 124 6.23 -9.22 -1.29
C HIS A 124 7.36 -8.38 -1.91
N ILE A 125 7.06 -7.74 -3.02
CA ILE A 125 7.95 -6.92 -3.77
CA ILE A 125 8.07 -6.96 -3.72
C ILE A 125 8.09 -5.55 -3.15
N ILE A 126 9.30 -5.08 -2.87
CA ILE A 126 9.58 -3.76 -2.37
C ILE A 126 10.42 -3.04 -3.42
N ARG A 127 9.94 -1.88 -3.87
CA ARG A 127 10.65 -1.03 -4.82
C ARG A 127 11.16 0.21 -4.14
N VAL A 128 12.42 0.54 -4.34
CA VAL A 128 12.99 1.84 -3.95
C VAL A 128 13.12 2.68 -5.24
N CYS A 129 12.65 3.92 -5.19
CA CYS A 129 12.59 4.77 -6.37
C CYS A 129 12.67 6.21 -5.91
N PRO A 130 12.78 7.16 -6.87
CA PRO A 130 12.88 8.57 -6.44
C PRO A 130 11.50 9.33 -6.39
N LEU A 131 11.31 10.32 -5.48
CA LEU A 131 10.10 11.14 -5.47
C LEU A 131 9.96 11.80 -6.81
N ASP A 132 11.11 12.33 -7.27
CA ASP A 132 11.34 13.17 -8.42
C ASP A 132 12.37 12.49 -9.34
N GLY B 1 22.43 25.06 17.34
CA GLY B 1 22.35 23.92 18.23
C GLY B 1 23.64 23.17 18.31
N SER B 2 23.57 21.97 18.85
CA SER B 2 24.66 21.03 18.95
C SER B 2 24.17 19.66 18.51
N HIS B 3 23.41 19.61 17.42
CA HIS B 3 22.52 18.50 17.15
C HIS B 3 22.70 18.07 15.72
N MET B 4 23.66 17.17 15.50
CA MET B 4 24.02 16.75 14.16
CA MET B 4 24.07 16.73 14.17
C MET B 4 23.27 15.51 13.90
N THR B 5 22.02 15.73 13.44
CA THR B 5 20.99 14.69 13.36
C THR B 5 20.73 14.18 11.95
N ASP B 6 21.40 14.78 10.96
CA ASP B 6 21.11 14.56 9.53
C ASP B 6 22.25 13.82 8.81
N LEU B 7 23.07 13.05 9.54
CA LEU B 7 24.25 12.39 9.00
C LEU B 7 24.06 10.86 8.68
N ALA B 8 22.81 10.38 8.73
CA ALA B 8 22.53 8.97 8.55
C ALA B 8 21.54 8.70 7.41
N GLY B 9 21.45 9.61 6.42
CA GLY B 9 20.60 9.36 5.25
C GLY B 9 19.15 9.78 5.47
N PRO B 10 18.35 9.75 4.37
CA PRO B 10 16.93 10.12 4.49
C PRO B 10 16.13 9.05 5.21
N THR B 11 15.03 9.49 5.77
CA THR B 11 14.11 8.58 6.36
C THR B 11 13.54 7.58 5.32
N ILE B 12 13.34 6.33 5.76
CA ILE B 12 12.88 5.24 4.89
C ILE B 12 11.44 4.90 5.28
N THR B 13 10.50 5.25 4.45
CA THR B 13 9.07 5.19 4.73
CA THR B 13 9.13 4.97 4.75
C THR B 13 8.42 4.42 3.55
N PRO B 14 7.47 3.50 3.79
CA PRO B 14 6.72 2.82 2.71
C PRO B 14 5.60 3.77 2.26
N ASN B 15 5.99 4.80 1.53
CA ASN B 15 5.13 5.91 1.13
C ASN B 15 4.55 5.75 -0.27
N LEU B 16 4.74 4.66 -1.03
N LEU B 16 4.64 4.58 -0.81
CA LEU B 16 4.09 4.46 -2.38
CA LEU B 16 3.97 4.32 -2.05
C LEU B 16 3.44 3.06 -2.51
C LEU B 16 3.35 2.96 -1.96
N GLN B 17 2.11 2.93 -2.43
CA GLN B 17 1.40 1.67 -2.60
C GLN B 17 1.08 1.58 -4.09
N LEU B 18 1.68 0.61 -4.78
CA LEU B 18 1.59 0.56 -6.22
C LEU B 18 0.96 -0.74 -6.63
N VAL B 19 0.01 -0.69 -7.56
CA VAL B 19 -0.65 -1.88 -8.09
C VAL B 19 -0.51 -1.91 -9.62
N TYR B 20 -0.32 -3.10 -10.15
CA TYR B 20 -0.22 -3.29 -11.60
C TYR B 20 -1.62 -3.37 -12.17
N VAL B 21 -1.86 -2.64 -13.26
CA VAL B 21 -3.18 -2.62 -13.88
C VAL B 21 -3.03 -2.97 -15.36
N SER B 22 -4.09 -3.54 -15.92
CA SER B 22 -4.12 -3.85 -17.34
CA SER B 22 -4.19 -3.87 -17.33
CA SER B 22 -4.07 -3.84 -17.34
C SER B 22 -4.34 -2.60 -18.18
N ASN B 23 -5.12 -1.63 -17.68
CA ASN B 23 -5.48 -0.47 -18.46
C ASN B 23 -5.60 0.73 -17.52
N VAL B 24 -4.73 1.71 -17.70
CA VAL B 24 -4.69 2.85 -16.85
C VAL B 24 -5.93 3.72 -16.95
N GLU B 25 -6.52 3.89 -18.14
CA GLU B 25 -7.72 4.71 -18.25
C GLU B 25 -8.84 4.13 -17.39
N ARG B 26 -9.11 2.83 -17.52
CA ARG B 26 -10.23 2.24 -16.78
C ARG B 26 -9.95 2.31 -15.28
N SER B 27 -8.72 2.06 -14.89
CA SER B 27 -8.41 2.05 -13.43
C SER B 27 -8.43 3.47 -12.88
N THR B 28 -8.04 4.47 -13.66
CA THR B 28 -8.13 5.83 -13.20
C THR B 28 -9.58 6.19 -12.92
N ASP B 29 -10.48 5.84 -13.81
CA ASP B 29 -11.92 6.08 -13.68
CA ASP B 29 -11.83 6.23 -13.53
C ASP B 29 -12.42 5.40 -12.37
N PHE B 30 -12.02 4.16 -12.18
CA PHE B 30 -12.45 3.39 -11.01
C PHE B 30 -12.03 4.06 -9.71
N TYR B 31 -10.75 4.41 -9.61
CA TYR B 31 -10.24 4.99 -8.36
C TYR B 31 -10.70 6.42 -8.15
N ARG B 32 -10.92 7.19 -9.22
CA ARG B 32 -11.56 8.49 -9.06
CA ARG B 32 -11.52 8.49 -9.01
C ARG B 32 -12.93 8.33 -8.40
N PHE B 33 -13.68 7.32 -8.80
CA PHE B 33 -14.96 7.05 -8.21
C PHE B 33 -14.87 6.58 -6.74
N ILE B 34 -13.99 5.61 -6.47
CA ILE B 34 -13.84 5.12 -5.09
C ILE B 34 -13.41 6.18 -4.12
N PHE B 35 -12.39 6.93 -4.48
CA PHE B 35 -11.82 7.94 -3.61
C PHE B 35 -12.53 9.26 -3.60
N LYS B 36 -13.40 9.48 -4.61
CA LYS B 36 -14.05 10.80 -4.80
CA LYS B 36 -14.05 10.79 -4.85
C LYS B 36 -12.99 11.87 -4.88
N LYS B 37 -11.90 11.60 -5.59
CA LYS B 37 -10.75 12.54 -5.69
CA LYS B 37 -10.70 12.45 -5.62
C LYS B 37 -10.09 12.38 -7.03
N GLU B 38 -9.52 13.48 -7.49
CA GLU B 38 -8.75 13.43 -8.72
C GLU B 38 -7.33 12.96 -8.42
N PRO B 39 -6.67 12.35 -9.41
CA PRO B 39 -5.28 12.01 -9.28
C PRO B 39 -4.44 13.27 -9.28
N VAL B 40 -3.26 13.18 -8.65
CA VAL B 40 -2.31 14.27 -8.53
C VAL B 40 -1.25 14.25 -9.61
N PHE B 41 -1.05 13.14 -10.31
CA PHE B 41 -0.08 13.04 -11.40
C PHE B 41 -0.63 12.02 -12.36
N VAL B 42 -0.71 12.43 -13.65
CA VAL B 42 -1.33 11.64 -14.67
C VAL B 42 -0.38 11.47 -15.86
N THR B 43 -0.07 10.26 -16.21
CA THR B 43 0.63 9.92 -17.44
C THR B 43 -0.04 8.74 -18.09
N PRO B 44 0.26 8.41 -19.35
CA PRO B 44 -0.49 7.31 -19.98
C PRO B 44 -0.27 5.91 -19.34
N ARG B 45 0.88 5.69 -18.69
CA ARG B 45 1.22 4.38 -18.09
C ARG B 45 1.20 4.37 -16.55
N TYR B 46 1.10 5.54 -15.93
CA TYR B 46 1.32 5.66 -14.46
C TYR B 46 0.48 6.83 -13.97
N VAL B 47 -0.37 6.57 -12.99
CA VAL B 47 -1.24 7.58 -12.40
C VAL B 47 -1.15 7.47 -10.86
N ALA B 48 -0.98 8.57 -10.18
CA ALA B 48 -0.88 8.61 -8.72
C ALA B 48 -2.00 9.42 -8.12
N PHE B 49 -2.54 8.91 -7.02
CA PHE B 49 -3.55 9.52 -6.18
C PHE B 49 -2.97 9.81 -4.81
N PRO B 50 -3.50 10.81 -4.11
CA PRO B 50 -2.89 11.14 -2.81
CA PRO B 50 -3.05 11.19 -2.75
C PRO B 50 -3.28 10.13 -1.72
N SER B 51 -2.32 9.97 -0.84
N SER B 51 -2.33 9.72 -0.89
CA SER B 51 -2.53 9.35 0.45
CA SER B 51 -2.70 9.13 0.41
C SER B 51 -2.13 10.45 1.46
C SER B 51 -2.58 10.26 1.50
N SER B 52 -1.93 10.06 2.66
CA SER B 52 -1.57 11.04 3.72
C SER B 52 -0.12 11.47 3.63
N GLY B 53 0.21 12.69 4.13
CA GLY B 53 1.61 13.12 4.13
C GLY B 53 2.13 13.24 2.71
N ASP B 54 3.32 12.67 2.47
CA ASP B 54 3.87 12.62 1.14
C ASP B 54 3.61 11.33 0.43
N ALA B 55 2.74 10.47 1.00
CA ALA B 55 2.48 9.16 0.43
C ALA B 55 1.48 9.22 -0.73
N LEU B 56 1.58 8.22 -1.57
CA LEU B 56 0.79 8.08 -2.79
C LEU B 56 0.28 6.66 -2.96
N PHE B 57 -0.82 6.53 -3.67
CA PHE B 57 -1.33 5.29 -4.22
C PHE B 57 -1.24 5.36 -5.74
N ALA B 58 -0.64 4.41 -6.40
CA ALA B 58 -0.42 4.50 -7.84
C ALA B 58 -0.83 3.24 -8.55
N ILE B 59 -1.28 3.46 -9.79
CA ILE B 59 -1.61 2.42 -10.74
C ILE B 59 -0.62 2.48 -11.91
N TRP B 60 -0.18 1.32 -12.39
CA TRP B 60 0.91 1.27 -13.35
C TRP B 60 0.68 0.14 -14.33
N SER B 61 0.77 0.41 -15.63
CA SER B 61 0.65 -0.64 -16.66
C SER B 61 2.00 -1.24 -17.06
N GLY B 62 3.11 -0.85 -16.43
CA GLY B 62 4.45 -1.37 -16.74
C GLY B 62 4.89 -2.60 -15.96
N GLY B 63 3.99 -3.09 -15.12
N GLY B 63 4.04 -3.17 -15.14
CA GLY B 63 4.17 -4.32 -14.36
CA GLY B 63 4.42 -4.38 -14.44
C GLY B 63 3.39 -5.47 -15.02
C GLY B 63 3.99 -5.61 -15.21
N GLU B 64 3.67 -6.65 -14.50
CA GLU B 64 3.11 -7.87 -15.06
C GLU B 64 1.55 -7.82 -15.02
N GLU B 65 0.92 -8.19 -16.12
CA GLU B 65 -0.51 -8.06 -16.18
CA GLU B 65 -0.51 -8.15 -16.26
C GLU B 65 -1.20 -8.98 -15.16
N PRO B 66 -2.09 -8.37 -14.33
CA PRO B 66 -2.74 -9.26 -13.33
C PRO B 66 -3.60 -10.34 -13.99
N VAL B 67 -3.65 -11.50 -13.36
CA VAL B 67 -4.41 -12.64 -13.80
C VAL B 67 -5.53 -12.89 -12.81
N ALA B 68 -6.75 -12.97 -13.30
CA ALA B 68 -7.89 -13.04 -12.42
C ALA B 68 -7.87 -14.22 -11.46
N GLU B 69 -7.45 -15.39 -11.93
CA GLU B 69 -7.55 -16.56 -11.03
CA GLU B 69 -7.48 -16.62 -11.12
C GLU B 69 -6.43 -16.72 -10.03
N ILE B 70 -5.50 -15.79 -10.04
CA ILE B 70 -4.38 -15.94 -9.13
C ILE B 70 -4.66 -15.30 -7.81
N PRO B 71 -4.51 -16.05 -6.70
CA PRO B 71 -4.81 -15.44 -5.37
C PRO B 71 -3.85 -14.33 -5.06
N ARG B 72 -4.39 -13.35 -4.28
CA ARG B 72 -3.64 -12.17 -3.91
C ARG B 72 -3.34 -12.15 -2.40
N PHE B 73 -2.26 -11.47 -2.05
CA PHE B 73 -1.71 -11.55 -0.70
C PHE B 73 -1.47 -10.18 -0.08
N SER B 74 -2.17 -9.18 -0.58
CA SER B 74 -2.10 -7.85 -0.04
CA SER B 74 -2.00 -7.74 -0.22
C SER B 74 -3.41 -7.12 -0.29
N GLU B 75 -3.59 -6.01 0.39
CA GLU B 75 -4.84 -5.25 0.36
C GLU B 75 -4.54 -3.76 0.30
N ILE B 76 -5.40 -3.04 -0.41
CA ILE B 76 -5.49 -1.59 -0.38
C ILE B 76 -6.52 -1.16 0.66
C ILE B 76 -6.49 -1.39 0.75
N GLY B 77 -6.09 -0.69 1.79
CA GLY B 77 -6.97 -0.40 2.91
C GLY B 77 -7.37 1.09 2.94
N ILE B 78 -8.62 1.32 3.29
CA ILE B 78 -9.23 2.62 3.48
C ILE B 78 -9.79 2.68 4.88
N MET B 79 -9.18 3.47 5.74
CA MET B 79 -9.60 3.60 7.12
C MET B 79 -10.44 4.86 7.25
N LEU B 80 -11.67 4.71 7.73
CA LEU B 80 -12.65 5.80 7.91
C LEU B 80 -12.78 6.10 9.42
N PRO B 81 -13.36 7.26 9.76
CA PRO B 81 -13.40 7.62 11.19
C PRO B 81 -14.17 6.64 12.06
N THR B 82 -15.33 6.16 11.64
CA THR B 82 -16.20 5.40 12.51
C THR B 82 -16.77 4.17 11.83
N GLY B 83 -17.33 3.25 12.59
CA GLY B 83 -18.08 2.12 12.04
C GLY B 83 -19.30 2.55 11.26
N GLU B 84 -19.97 3.63 11.66
CA GLU B 84 -21.09 4.15 10.89
CA GLU B 84 -21.08 4.13 10.91
C GLU B 84 -20.64 4.52 9.49
N ASP B 85 -19.46 5.16 9.40
CA ASP B 85 -18.95 5.51 8.06
C ASP B 85 -18.72 4.31 7.18
N VAL B 86 -18.25 3.19 7.74
CA VAL B 86 -18.05 1.97 6.98
C VAL B 86 -19.39 1.49 6.38
N ASP B 87 -20.42 1.42 7.22
CA ASP B 87 -21.71 0.95 6.73
C ASP B 87 -22.32 1.89 5.69
N LYS B 88 -22.17 3.21 5.93
CA LYS B 88 -22.71 4.17 4.95
C LYS B 88 -22.01 4.02 3.61
N LEU B 89 -20.70 3.82 3.60
CA LEU B 89 -19.99 3.69 2.35
C LEU B 89 -20.38 2.40 1.62
N PHE B 90 -20.56 1.30 2.37
CA PHE B 90 -21.02 0.07 1.77
C PHE B 90 -22.41 0.27 1.11
N ASN B 91 -23.31 0.91 1.85
CA ASN B 91 -24.65 1.17 1.32
C ASN B 91 -24.54 2.00 0.02
N GLU B 92 -23.70 3.03 0.04
CA GLU B 92 -23.55 3.93 -1.12
C GLU B 92 -23.09 3.12 -2.32
N TRP B 93 -22.02 2.37 -2.18
CA TRP B 93 -21.44 1.67 -3.30
C TRP B 93 -22.35 0.56 -3.85
N THR B 94 -23.06 -0.15 -2.97
CA THR B 94 -23.86 -1.28 -3.41
C THR B 94 -25.20 -0.84 -3.96
N LYS B 95 -25.67 0.37 -3.63
N LYS B 95 -25.55 0.41 -3.71
CA LYS B 95 -26.99 0.88 -4.12
CA LYS B 95 -26.88 0.97 -4.01
C LYS B 95 -26.82 1.56 -5.48
C LYS B 95 -26.89 1.77 -5.30
N GLN B 96 -25.72 2.25 -5.72
CA GLN B 96 -25.59 3.02 -6.97
C GLN B 96 -25.39 2.08 -8.12
N LYS B 97 -25.83 2.50 -9.31
CA LYS B 97 -25.99 1.59 -10.45
C LYS B 97 -24.90 1.84 -11.52
N SER B 98 -24.41 3.07 -11.57
N SER B 98 -24.45 3.05 -11.67
CA SER B 98 -23.58 3.53 -12.67
CA SER B 98 -23.59 3.36 -12.80
C SER B 98 -22.09 3.20 -12.63
C SER B 98 -22.26 2.57 -12.84
N HIS B 99 -21.64 2.47 -11.62
CA HIS B 99 -20.31 1.93 -11.51
C HIS B 99 -20.50 0.52 -10.97
N GLN B 100 -19.91 -0.47 -11.63
CA GLN B 100 -19.85 -1.85 -11.13
C GLN B 100 -18.86 -1.95 -9.96
N ILE B 101 -19.37 -2.40 -8.81
CA ILE B 101 -18.59 -2.63 -7.60
C ILE B 101 -18.75 -4.09 -7.22
N ILE B 102 -17.69 -4.84 -7.29
CA ILE B 102 -17.71 -6.27 -6.99
CA ILE B 102 -17.70 -6.26 -6.99
C ILE B 102 -17.39 -6.47 -5.52
N VAL B 103 -18.40 -6.92 -4.76
CA VAL B 103 -18.25 -7.21 -3.35
C VAL B 103 -17.63 -8.60 -3.19
N ILE B 104 -16.59 -8.69 -2.37
CA ILE B 104 -15.92 -9.94 -2.02
CA ILE B 104 -15.91 -9.93 -2.01
C ILE B 104 -16.27 -10.44 -0.64
N LYS B 105 -16.49 -9.54 0.33
CA LYS B 105 -16.96 -9.91 1.68
CA LYS B 105 -16.87 -9.93 1.67
C LYS B 105 -17.88 -8.88 2.16
N GLU B 106 -19.05 -9.34 2.62
CA GLU B 106 -20.04 -8.47 3.26
C GLU B 106 -19.50 -7.90 4.57
N PRO B 107 -20.05 -6.76 5.04
CA PRO B 107 -19.60 -6.25 6.35
C PRO B 107 -19.61 -7.30 7.46
N TYR B 108 -18.52 -7.33 8.21
CA TYR B 108 -18.31 -8.26 9.31
C TYR B 108 -17.31 -7.65 10.25
N THR B 109 -16.99 -8.32 11.37
CA THR B 109 -16.00 -7.84 12.30
C THR B 109 -14.74 -8.68 12.23
N ASP B 110 -13.60 -8.02 12.05
CA ASP B 110 -12.31 -8.64 12.07
C ASP B 110 -11.41 -7.88 13.06
N VAL B 111 -10.11 -8.13 13.02
CA VAL B 111 -9.17 -7.48 13.90
C VAL B 111 -9.25 -5.96 13.77
N PHE B 112 -9.64 -5.48 12.57
CA PHE B 112 -9.71 -4.08 12.26
C PHE B 112 -10.96 -3.42 12.84
N GLY B 113 -11.93 -4.21 13.25
CA GLY B 113 -13.27 -3.75 13.49
C GLY B 113 -14.16 -4.07 12.31
N ARG B 114 -15.25 -3.32 12.20
CA ARG B 114 -16.27 -3.44 11.20
C ARG B 114 -15.68 -3.14 9.82
N THR B 115 -15.80 -4.11 8.89
CA THR B 115 -14.99 -4.08 7.68
C THR B 115 -15.68 -4.85 6.54
N PHE B 116 -15.35 -4.49 5.30
CA PHE B 116 -15.83 -5.23 4.15
C PHE B 116 -14.72 -5.21 3.07
N LEU B 117 -14.85 -6.09 2.08
CA LEU B 117 -13.90 -6.18 0.97
C LEU B 117 -14.61 -6.04 -0.38
N ILE B 118 -14.00 -5.31 -1.28
CA ILE B 118 -14.37 -5.30 -2.72
C ILE B 118 -13.12 -5.63 -3.52
N SER B 119 -13.35 -5.90 -4.83
CA SER B 119 -12.30 -6.10 -5.79
CA SER B 119 -12.22 -6.01 -5.73
C SER B 119 -12.28 -4.93 -6.78
N ASP B 120 -11.10 -4.58 -7.26
CA ASP B 120 -10.94 -3.62 -8.38
C ASP B 120 -11.03 -4.42 -9.70
N PRO B 121 -10.95 -3.69 -10.85
CA PRO B 121 -11.08 -4.38 -12.15
C PRO B 121 -10.01 -5.41 -12.46
N ASP B 122 -8.90 -5.33 -11.80
CA ASP B 122 -7.79 -6.26 -11.98
C ASP B 122 -7.61 -7.22 -10.77
N GLY B 123 -8.67 -7.37 -9.97
CA GLY B 123 -8.67 -8.30 -8.87
C GLY B 123 -7.91 -7.87 -7.63
N HIS B 124 -7.46 -6.61 -7.57
CA HIS B 124 -6.84 -6.15 -6.33
C HIS B 124 -7.90 -6.01 -5.25
N ILE B 125 -7.56 -6.42 -4.06
CA ILE B 125 -8.42 -6.42 -2.88
CA ILE B 125 -8.51 -6.41 -2.95
C ILE B 125 -8.41 -5.04 -2.23
N ILE B 126 -9.58 -4.47 -1.99
CA ILE B 126 -9.76 -3.21 -1.27
C ILE B 126 -10.55 -3.48 -0.02
N ARG B 127 -9.99 -3.09 1.14
CA ARG B 127 -10.66 -3.21 2.44
C ARG B 127 -11.07 -1.85 2.94
N VAL B 128 -12.29 -1.74 3.45
CA VAL B 128 -12.74 -0.56 4.18
C VAL B 128 -12.90 -0.96 5.65
N CYS B 129 -12.42 -0.13 6.56
CA CYS B 129 -12.48 -0.42 8.00
C CYS B 129 -12.39 0.90 8.75
N PRO B 130 -12.52 0.86 10.10
N PRO B 130 -12.60 0.89 10.08
CA PRO B 130 -12.32 2.07 10.89
CA PRO B 130 -12.43 2.13 10.85
C PRO B 130 -10.83 2.41 11.03
C PRO B 130 -10.96 2.36 11.33
N LEU B 131 -10.57 3.64 11.43
CA LEU B 131 -9.25 4.06 11.86
CA LEU B 131 -9.29 4.08 11.87
C LEU B 131 -8.85 3.28 13.05
N ASP B 132 -7.56 3.07 13.18
CA ASP B 132 -6.93 2.41 14.26
C ASP B 132 -7.10 3.25 15.53
#